data_4B6Q
#
_entry.id   4B6Q
#
_cell.length_a   126.267
_cell.length_b   126.267
_cell.length_c   126.267
_cell.angle_alpha   90.00
_cell.angle_beta   90.00
_cell.angle_gamma   90.00
#
_symmetry.space_group_name_H-M   'F 2 3'
#
loop_
_entity.id
_entity.type
_entity.pdbx_description
1 polymer '3-DEHYDROQUINATE DEHYDRATASE'
2 non-polymer '(1R,2R,4S,5R)-2-(benzo[b]thiophen-5-yl)methyl-1,4,5-trihydroxy-3-oxocyclohexane-1-carboxylic acid'
3 non-polymer 'SULFATE ION'
4 water water
#
_entity_poly.entity_id   1
_entity_poly.type   'polypeptide(L)'
_entity_poly.pdbx_seq_one_letter_code
;SELIVNVINGPNLGRLGRREPAVYGGTTHDELVALIEREAAELGLKAVVRQSDSEAQLLDWIHQAADAAEPVILNAGGLT
HTSVALRDACAELSAPLIEVHISNVHAREEFRRHSYLSPIATGVIVGLGIQGYLLALRYLAEHVGT
;
_entity_poly.pdbx_strand_id   A
#
loop_
_chem_comp.id
_chem_comp.type
_chem_comp.name
_chem_comp.formula
BZ5 non-polymer '(1R,2R,4S,5R)-2-(benzo[b]thiophen-5-yl)methyl-1,4,5-trihydroxy-3-oxocyclohexane-1-carboxylic acid' 'C16 H16 O6 S'
SO4 non-polymer 'SULFATE ION' 'O4 S -2'
#
# COMPACT_ATOMS: atom_id res chain seq x y z
N LEU A 3 7.97 -13.83 -6.93
CA LEU A 3 8.48 -13.43 -5.61
C LEU A 3 8.16 -11.97 -5.24
N ILE A 4 8.10 -11.05 -6.21
CA ILE A 4 8.23 -9.62 -5.85
C ILE A 4 6.90 -8.96 -5.57
N VAL A 5 6.82 -8.26 -4.43
CA VAL A 5 5.67 -7.44 -4.07
C VAL A 5 6.14 -6.03 -3.77
N ASN A 6 5.46 -5.06 -4.37
CA ASN A 6 5.72 -3.67 -4.15
C ASN A 6 4.83 -3.12 -3.06
N VAL A 7 5.41 -2.52 -2.04
CA VAL A 7 4.65 -1.87 -1.01
C VAL A 7 4.94 -0.37 -1.18
N ILE A 8 3.89 0.39 -1.44
CA ILE A 8 4.01 1.82 -1.78
C ILE A 8 3.24 2.64 -0.75
N ASN A 9 3.98 3.52 -0.10
CA ASN A 9 3.43 4.43 0.91
C ASN A 9 3.44 5.87 0.41
N GLY A 10 2.29 6.54 0.56
CA GLY A 10 2.12 7.90 0.10
C GLY A 10 2.42 8.95 1.13
N PRO A 11 1.84 10.16 0.94
CA PRO A 11 2.26 11.29 1.75
C PRO A 11 2.06 11.12 3.25
N ASN A 12 3.03 11.68 3.95
CA ASN A 12 3.09 11.68 5.39
C ASN A 12 3.48 10.36 6.05
N LEU A 13 3.53 9.25 5.30
CA LEU A 13 3.87 7.97 5.90
C LEU A 13 5.35 7.95 6.35
N GLY A 14 6.18 8.83 5.82
CA GLY A 14 7.53 8.96 6.34
C GLY A 14 7.63 9.50 7.74
N ARG A 15 6.51 10.02 8.24
CA ARG A 15 6.44 10.67 9.57
C ARG A 15 6.06 9.65 10.66
N LEU A 16 5.87 8.38 10.30
CA LEU A 16 5.49 7.38 11.30
C LEU A 16 6.47 7.39 12.47
N GLY A 17 5.94 7.39 13.70
CA GLY A 17 6.80 7.35 14.90
C GLY A 17 7.56 8.59 15.27
N ARG A 18 7.24 9.74 14.66
CA ARG A 18 7.92 11.00 14.99
C ARG A 18 7.21 11.75 16.10
N GLY A 26 4.75 4.24 17.83
CA GLY A 26 6.20 4.42 17.94
C GLY A 26 7.04 3.82 16.80
N THR A 27 6.44 2.96 15.98
CA THR A 27 7.16 2.36 14.85
C THR A 27 7.47 3.44 13.78
N THR A 28 8.73 3.54 13.39
CA THR A 28 9.15 4.47 12.34
C THR A 28 8.96 3.84 10.97
N HIS A 29 9.05 4.65 9.92
CA HIS A 29 8.96 4.09 8.60
C HIS A 29 10.12 3.11 8.32
N ASP A 30 11.30 3.43 8.81
CA ASP A 30 12.43 2.51 8.65
C ASP A 30 12.15 1.18 9.32
N GLU A 31 11.57 1.23 10.52
CA GLU A 31 11.21 -0.02 11.20
C GLU A 31 10.14 -0.78 10.42
N LEU A 32 9.16 -0.05 9.87
CA LEU A 32 8.14 -0.68 9.07
C LEU A 32 8.75 -1.42 7.90
N VAL A 33 9.71 -0.80 7.20
CA VAL A 33 10.38 -1.48 6.10
C VAL A 33 11.03 -2.77 6.58
N ALA A 34 11.72 -2.70 7.71
CA ALA A 34 12.37 -3.86 8.30
C ALA A 34 11.39 -4.97 8.60
N LEU A 35 10.27 -4.64 9.24
CA LEU A 35 9.27 -5.62 9.56
C LEU A 35 8.69 -6.29 8.30
N ILE A 36 8.41 -5.47 7.29
CA ILE A 36 7.85 -5.99 6.04
C ILE A 36 8.83 -6.91 5.32
N GLU A 37 10.08 -6.48 5.23
CA GLU A 37 11.08 -7.28 4.53
C GLU A 37 11.25 -8.64 5.21
N ARG A 38 11.26 -8.66 6.54
CA ARG A 38 11.39 -9.90 7.31
C ARG A 38 10.22 -10.84 7.05
N GLU A 39 8.99 -10.30 7.10
CA GLU A 39 7.82 -11.13 6.91
C GLU A 39 7.78 -11.65 5.49
N ALA A 40 8.12 -10.79 4.53
CA ALA A 40 8.14 -11.24 3.16
C ALA A 40 9.10 -12.40 3.00
N ALA A 41 10.29 -12.27 3.57
CA ALA A 41 11.29 -13.34 3.49
C ALA A 41 10.75 -14.66 4.07
N GLU A 42 10.10 -14.59 5.22
CA GLU A 42 9.46 -15.76 5.85
C GLU A 42 8.37 -16.43 4.97
N LEU A 43 7.70 -15.62 4.15
CA LEU A 43 6.65 -16.06 3.26
C LEU A 43 7.17 -16.50 1.90
N GLY A 44 8.46 -16.36 1.66
CA GLY A 44 9.05 -16.69 0.37
C GLY A 44 8.87 -15.64 -0.71
N LEU A 45 8.63 -14.39 -0.29
CA LEU A 45 8.45 -13.23 -1.16
C LEU A 45 9.65 -12.29 -1.01
N LYS A 46 9.77 -11.31 -1.91
CA LYS A 46 10.72 -10.20 -1.77
C LYS A 46 9.90 -8.92 -1.81
N ALA A 47 9.91 -8.16 -0.73
CA ALA A 47 9.16 -6.93 -0.67
C ALA A 47 10.08 -5.77 -1.04
N VAL A 48 9.59 -4.91 -1.93
CA VAL A 48 10.26 -3.66 -2.30
C VAL A 48 9.41 -2.53 -1.73
N VAL A 49 9.89 -1.83 -0.72
CA VAL A 49 9.08 -0.86 0.00
C VAL A 49 9.56 0.52 -0.39
N ARG A 50 8.62 1.39 -0.76
CA ARG A 50 8.96 2.72 -1.23
C ARG A 50 7.97 3.71 -0.58
N GLN A 51 8.41 4.92 -0.29
CA GLN A 51 7.56 5.97 0.25
C GLN A 51 7.89 7.31 -0.41
N SER A 52 6.84 8.07 -0.72
CA SER A 52 7.01 9.42 -1.26
C SER A 52 5.85 10.30 -0.91
N ASP A 53 6.15 11.57 -0.69
CA ASP A 53 5.14 12.60 -0.54
C ASP A 53 4.66 13.19 -1.90
N SER A 54 5.30 12.74 -2.99
CA SER A 54 5.07 13.24 -4.35
C SER A 54 4.14 12.31 -5.12
N GLU A 55 2.97 12.80 -5.52
CA GLU A 55 2.05 12.03 -6.35
C GLU A 55 2.71 11.53 -7.62
N ALA A 56 3.53 12.36 -8.27
CA ALA A 56 4.18 11.94 -9.51
C ALA A 56 5.09 10.75 -9.28
N GLN A 57 5.79 10.75 -8.15
CA GLN A 57 6.66 9.64 -7.82
C GLN A 57 5.85 8.36 -7.56
N LEU A 58 4.74 8.51 -6.86
CA LEU A 58 3.89 7.35 -6.63
C LEU A 58 3.37 6.79 -7.93
N LEU A 59 2.93 7.67 -8.84
CA LEU A 59 2.49 7.24 -10.16
C LEU A 59 3.56 6.46 -10.88
N ASP A 60 4.81 6.92 -10.79
CA ASP A 60 5.88 6.22 -11.51
C ASP A 60 6.09 4.82 -10.97
N TRP A 61 6.05 4.68 -9.66
CA TRP A 61 6.15 3.34 -9.07
C TRP A 61 5.00 2.42 -9.46
N ILE A 62 3.79 2.96 -9.52
CA ILE A 62 2.67 2.16 -9.94
C ILE A 62 2.80 1.77 -11.44
N HIS A 63 3.27 2.70 -12.26
CA HIS A 63 3.49 2.38 -13.69
C HIS A 63 4.51 1.24 -13.83
N GLN A 64 5.55 1.27 -13.01
CA GLN A 64 6.56 0.21 -13.06
C GLN A 64 5.97 -1.16 -12.68
N ALA A 65 5.12 -1.17 -11.66
CA ALA A 65 4.48 -2.40 -11.24
C ALA A 65 3.51 -2.91 -12.30
N ALA A 66 2.84 -2.00 -13.02
CA ALA A 66 1.97 -2.41 -14.11
C ALA A 66 2.80 -3.02 -15.23
N ASP A 67 3.92 -2.38 -15.58
CA ASP A 67 4.76 -2.92 -16.66
C ASP A 67 5.38 -4.28 -16.28
N ALA A 68 5.65 -4.51 -14.99
CA ALA A 68 6.23 -5.75 -14.54
C ALA A 68 5.22 -6.80 -14.11
N ALA A 69 3.92 -6.45 -14.10
CA ALA A 69 2.87 -7.35 -13.66
C ALA A 69 3.11 -7.86 -12.24
N GLU A 70 3.51 -6.91 -11.38
CA GLU A 70 3.77 -7.22 -9.99
C GLU A 70 2.62 -6.70 -9.12
N PRO A 71 2.32 -7.43 -8.04
CA PRO A 71 1.33 -6.94 -7.08
C PRO A 71 1.80 -5.71 -6.32
N VAL A 72 0.85 -4.96 -5.81
CA VAL A 72 1.05 -3.75 -5.06
C VAL A 72 0.21 -3.77 -3.80
N ILE A 73 0.84 -3.45 -2.69
CA ILE A 73 0.18 -3.09 -1.42
C ILE A 73 0.37 -1.59 -1.31
N LEU A 74 -0.74 -0.83 -1.32
CA LEU A 74 -0.70 0.61 -1.41
C LEU A 74 -1.41 1.24 -0.21
N ASN A 75 -0.69 2.12 0.48
CA ASN A 75 -1.25 3.01 1.46
C ASN A 75 -0.97 4.42 0.97
N ALA A 76 -1.94 4.98 0.26
CA ALA A 76 -1.75 6.25 -0.43
C ALA A 76 -1.87 7.46 0.45
N GLY A 77 -2.05 7.26 1.77
CA GLY A 77 -2.26 8.40 2.66
C GLY A 77 -3.41 9.25 2.22
N GLY A 78 -3.27 10.56 2.35
CA GLY A 78 -4.37 11.43 2.01
C GLY A 78 -4.83 11.38 0.57
N LEU A 79 -3.95 10.93 -0.32
CA LEU A 79 -4.30 10.79 -1.74
C LEU A 79 -5.37 9.73 -1.99
N THR A 80 -5.53 8.81 -1.05
CA THR A 80 -6.62 7.82 -1.08
C THR A 80 -7.96 8.49 -1.34
N HIS A 81 -8.16 9.63 -0.69
CA HIS A 81 -9.44 10.27 -0.65
C HIS A 81 -9.64 11.31 -1.75
N THR A 82 -8.57 11.62 -2.49
CA THR A 82 -8.56 12.78 -3.32
C THR A 82 -8.08 12.55 -4.76
N SER A 83 -7.26 11.54 -5.04
CA SER A 83 -6.59 11.45 -6.34
C SER A 83 -7.20 10.48 -7.34
N VAL A 84 -7.81 11.06 -8.37
CA VAL A 84 -8.26 10.27 -9.50
C VAL A 84 -7.05 9.80 -10.30
N ALA A 85 -5.99 10.64 -10.42
CA ALA A 85 -4.81 10.24 -11.18
C ALA A 85 -4.21 8.93 -10.63
N LEU A 86 -4.15 8.79 -9.30
CA LEU A 86 -3.60 7.58 -8.69
C LEU A 86 -4.50 6.38 -8.96
N ARG A 87 -5.82 6.58 -8.87
CA ARG A 87 -6.75 5.52 -9.24
C ARG A 87 -6.53 5.06 -10.69
N ASP A 88 -6.38 6.02 -11.59
CA ASP A 88 -6.19 5.67 -13.00
C ASP A 88 -4.89 4.88 -13.24
N ALA A 89 -3.83 5.22 -12.53
CA ALA A 89 -2.59 4.45 -12.65
C ALA A 89 -2.80 3.04 -12.12
N CYS A 90 -3.48 2.96 -11.00
CA CYS A 90 -3.75 1.65 -10.38
C CYS A 90 -4.66 0.75 -11.22
N ALA A 91 -5.53 1.35 -12.01
CA ALA A 91 -6.43 0.58 -12.87
C ALA A 91 -5.67 -0.22 -13.93
N GLU A 92 -4.39 0.13 -14.17
CA GLU A 92 -3.56 -0.56 -15.15
C GLU A 92 -2.98 -1.87 -14.60
N LEU A 93 -2.99 -2.01 -13.28
CA LEU A 93 -2.35 -3.17 -12.65
C LEU A 93 -3.11 -4.42 -13.02
N SER A 94 -2.39 -5.41 -13.50
CA SER A 94 -2.98 -6.72 -13.78
C SER A 94 -2.89 -7.71 -12.60
N ALA A 95 -1.90 -7.54 -11.74
CA ALA A 95 -1.74 -8.32 -10.53
C ALA A 95 -2.56 -7.68 -9.41
N PRO A 96 -2.68 -8.36 -8.26
CA PRO A 96 -3.51 -7.82 -7.20
C PRO A 96 -3.03 -6.50 -6.63
N LEU A 97 -4.00 -5.70 -6.20
CA LEU A 97 -3.80 -4.43 -5.53
C LEU A 97 -4.52 -4.54 -4.20
N ILE A 98 -3.77 -4.44 -3.12
CA ILE A 98 -4.35 -4.43 -1.78
C ILE A 98 -4.14 -3.06 -1.17
N GLU A 99 -5.24 -2.40 -0.82
CA GLU A 99 -5.21 -1.10 -0.15
C GLU A 99 -5.08 -1.36 1.34
N VAL A 100 -4.14 -0.68 1.99
CA VAL A 100 -3.94 -0.80 3.44
C VAL A 100 -3.97 0.61 4.06
N HIS A 101 -4.69 0.76 5.16
CA HIS A 101 -4.59 1.92 6.02
C HIS A 101 -4.31 1.46 7.44
N ILE A 102 -3.41 2.15 8.10
CA ILE A 102 -3.01 1.83 9.45
C ILE A 102 -4.18 2.12 10.42
N SER A 103 -4.73 3.33 10.31
CA SER A 103 -5.88 3.74 11.12
C SER A 103 -7.19 3.22 10.54
N ASN A 104 -8.21 3.14 11.39
CA ASN A 104 -9.54 2.80 10.92
C ASN A 104 -10.16 4.06 10.36
N VAL A 105 -10.05 4.23 9.04
CA VAL A 105 -10.57 5.42 8.38
C VAL A 105 -12.09 5.58 8.53
N HIS A 106 -12.81 4.53 8.92
CA HIS A 106 -14.24 4.62 9.14
C HIS A 106 -14.63 5.17 10.48
N ALA A 107 -13.68 5.33 11.36
CA ALA A 107 -13.93 5.82 12.70
C ALA A 107 -13.51 7.27 12.83
N ARG A 108 -13.25 7.92 11.70
CA ARG A 108 -12.69 9.27 11.69
C ARG A 108 -13.62 10.24 10.97
N GLU A 109 -13.08 11.29 10.38
CA GLU A 109 -13.92 12.23 9.67
C GLU A 109 -14.60 11.58 8.48
N GLU A 110 -15.77 12.07 8.14
CA GLU A 110 -16.51 11.52 7.00
C GLU A 110 -15.73 11.49 5.69
N PHE A 111 -14.93 12.49 5.41
CA PHE A 111 -14.19 12.52 4.15
C PHE A 111 -13.23 11.34 4.02
N ARG A 112 -12.83 10.76 5.15
CA ARG A 112 -11.89 9.62 5.12
C ARG A 112 -12.59 8.31 4.81
N ARG A 113 -13.91 8.31 4.76
CA ARG A 113 -14.65 7.07 4.53
C ARG A 113 -14.88 6.82 3.05
N HIS A 114 -14.36 7.69 2.19
CA HIS A 114 -14.42 7.50 0.77
C HIS A 114 -13.01 7.37 0.20
N SER A 115 -12.82 6.34 -0.61
CA SER A 115 -11.58 6.03 -1.26
C SER A 115 -11.80 5.90 -2.76
N TYR A 116 -11.00 6.60 -3.56
CA TYR A 116 -10.99 6.36 -5.00
C TYR A 116 -10.36 5.04 -5.37
N LEU A 117 -9.60 4.46 -4.45
CA LEU A 117 -8.89 3.22 -4.74
C LEU A 117 -9.67 1.95 -4.44
N SER A 118 -10.49 1.99 -3.40
CA SER A 118 -11.15 0.75 -2.98
C SER A 118 -11.96 0.04 -4.07
N PRO A 119 -12.68 0.78 -4.93
CA PRO A 119 -13.42 0.07 -5.96
C PRO A 119 -12.62 -0.71 -6.97
N ILE A 120 -11.33 -0.38 -7.13
CA ILE A 120 -10.49 -1.06 -8.09
C ILE A 120 -9.46 -1.98 -7.43
N ALA A 121 -9.42 -1.98 -6.09
CA ALA A 121 -8.56 -2.85 -5.35
C ALA A 121 -9.16 -4.26 -5.30
N THR A 122 -8.29 -5.24 -5.19
CA THR A 122 -8.71 -6.60 -4.88
C THR A 122 -9.40 -6.61 -3.53
N GLY A 123 -8.75 -6.01 -2.54
CA GLY A 123 -9.32 -5.90 -1.22
C GLY A 123 -8.66 -4.79 -0.45
N VAL A 124 -9.15 -4.60 0.76
CA VAL A 124 -8.82 -3.45 1.59
C VAL A 124 -8.69 -3.88 3.04
N ILE A 125 -7.60 -3.51 3.70
CA ILE A 125 -7.41 -3.73 5.13
C ILE A 125 -7.24 -2.38 5.82
N VAL A 126 -8.06 -2.08 6.81
CA VAL A 126 -7.93 -0.84 7.59
C VAL A 126 -8.00 -1.11 9.08
N GLY A 127 -7.29 -0.29 9.84
CA GLY A 127 -7.42 -0.25 11.28
C GLY A 127 -6.66 -1.29 12.06
N LEU A 128 -5.89 -2.11 11.37
CA LEU A 128 -5.13 -3.17 12.02
C LEU A 128 -3.67 -2.76 12.25
N GLY A 129 -3.40 -1.47 12.15
CA GLY A 129 -2.09 -0.97 12.39
C GLY A 129 -1.11 -1.39 11.34
N ILE A 130 0.16 -1.39 11.72
CA ILE A 130 1.18 -1.82 10.78
C ILE A 130 1.05 -3.30 10.42
N GLN A 131 0.41 -4.10 11.28
CA GLN A 131 0.20 -5.51 10.92
C GLN A 131 -0.61 -5.66 9.63
N GLY A 132 -1.42 -4.68 9.28
CA GLY A 132 -2.15 -4.75 8.01
C GLY A 132 -1.28 -5.01 6.81
N TYR A 133 -0.08 -4.43 6.76
CA TYR A 133 0.82 -4.69 5.64
C TYR A 133 1.26 -6.13 5.61
N LEU A 134 1.52 -6.67 6.79
CA LEU A 134 1.99 -8.07 6.91
C LEU A 134 0.88 -9.07 6.53
N LEU A 135 -0.37 -8.73 6.90
CA LEU A 135 -1.47 -9.54 6.50
C LEU A 135 -1.72 -9.49 5.00
N ALA A 136 -1.55 -8.33 4.40
CA ALA A 136 -1.62 -8.21 2.94
C ALA A 136 -0.56 -9.06 2.26
N LEU A 137 0.65 -9.06 2.80
CA LEU A 137 1.69 -9.94 2.26
C LEU A 137 1.27 -11.41 2.30
N ARG A 138 0.66 -11.81 3.42
CA ARG A 138 0.27 -13.20 3.59
C ARG A 138 -0.86 -13.62 2.61
N TYR A 139 -1.77 -12.70 2.32
CA TYR A 139 -2.78 -12.91 1.29
C TYR A 139 -2.10 -13.19 -0.04
N LEU A 140 -1.13 -12.37 -0.40
CA LEU A 140 -0.46 -12.50 -1.70
C LEU A 140 0.33 -13.79 -1.74
N ALA A 141 0.94 -14.19 -0.64
CA ALA A 141 1.71 -15.44 -0.59
C ALA A 141 0.83 -16.68 -0.77
N GLU A 142 -0.36 -16.66 -0.19
CA GLU A 142 -1.28 -17.79 -0.29
C GLU A 142 -2.06 -17.83 -1.59
N HIS A 143 -2.04 -16.74 -2.37
CA HIS A 143 -2.72 -16.65 -3.66
C HIS A 143 -1.79 -16.71 -4.88
N VAL A 144 -0.49 -16.77 -4.65
CA VAL A 144 0.46 -16.86 -5.77
C VAL A 144 0.61 -18.32 -6.20
CAK BZ5 B . 2.08 9.57 9.98
CAT BZ5 B . 1.00 8.83 9.70
CAI BZ5 B . 0.40 8.58 8.46
CAH BZ5 B . -0.71 7.78 8.39
CAR BZ5 B . -1.19 7.18 9.56
CAJ BZ5 B . -0.61 7.39 10.81
CAU BZ5 B . 0.49 8.22 10.88
SAO BZ5 B . 1.44 8.68 12.23
CAS BZ5 B . 2.42 9.64 11.24
OAN BZ5 B . -2.29 9.76 5.75
CAQ BZ5 B . -3.19 9.11 6.27
CAX BZ5 B . -3.81 6.77 6.52
CAP BZ5 B . -3.65 5.49 7.34
CA0 BZ5 B . -2.89 7.86 7.08
OAC BZ5 B . -4.18 5.47 8.46
OAB BZ5 B . -2.96 4.58 6.84
OAF BZ5 B . -3.43 6.52 5.16
CAM BZ5 B . -5.27 7.24 6.61
CAV BZ5 B . -5.53 8.46 5.73
OAD BZ5 B . -6.93 8.90 5.86
CAW BZ5 B . -4.63 9.59 6.17
OAE BZ5 B . -4.75 10.71 5.23
CAA BZ5 B . -1.41 7.49 7.05
S SO4 C . 6.40 17.07 -7.61
O1 SO4 C . 6.17 16.25 -6.41
O2 SO4 C . 7.84 17.11 -7.87
O3 SO4 C . 5.93 18.44 -7.39
O4 SO4 C . 5.74 16.47 -8.78
S SO4 D . 13.05 3.63 -8.12
O1 SO4 D . 12.66 4.76 -7.24
O2 SO4 D . 14.47 3.66 -8.42
O3 SO4 D . 12.27 3.71 -9.38
O4 SO4 D . 12.77 2.37 -7.42
S SO4 E . -16.52 4.43 -8.30
O1 SO4 E . -17.52 4.02 -7.34
O2 SO4 E . -15.40 5.08 -7.62
O3 SO4 E . -17.16 5.38 -9.23
O4 SO4 E . -16.10 3.26 -9.03
S SO4 F . 6.04 4.94 -17.99
O1 SO4 F . 6.74 4.23 -16.91
O2 SO4 F . 4.85 4.28 -18.39
O3 SO4 F . 5.67 6.30 -17.59
O4 SO4 F . 6.95 5.01 -19.13
S SO4 G . 11.64 5.03 0.25
O1 SO4 G . 10.54 4.62 1.09
O2 SO4 G . 12.23 6.24 0.85
O3 SO4 G . 11.24 5.28 -1.11
O4 SO4 G . 12.68 3.97 0.20
S SO4 H . 15.14 -2.61 -2.87
O1 SO4 H . 16.46 -2.32 -2.33
O2 SO4 H . 14.96 -4.06 -2.94
O3 SO4 H . 14.14 -2.00 -1.99
O4 SO4 H . 15.06 -2.08 -4.23
S SO4 I . 9.78 11.24 -11.15
O1 SO4 I . 10.90 12.04 -10.64
O2 SO4 I . 10.15 9.82 -11.21
O3 SO4 I . 8.62 11.37 -10.27
O4 SO4 I . 9.47 11.73 -12.50
#